data_2RHP
#
_entry.id   2RHP
#
_cell.length_a   93.892
_cell.length_b   122.650
_cell.length_c   155.381
_cell.angle_alpha   90.00
_cell.angle_beta   90.00
_cell.angle_gamma   90.00
#
_symmetry.space_group_name_H-M   'I 2 2 2'
#
loop_
_entity.id
_entity.type
_entity.pdbx_description
1 polymer Thrombospondin-2
2 branched 2-acetamido-2-deoxy-beta-D-glucopyranose-(1-4)-2-acetamido-2-deoxy-beta-D-glucopyranose
3 non-polymer 2-acetamido-2-deoxy-beta-D-glucopyranose
4 non-polymer 'CALCIUM ION'
5 water water
#
_entity_poly.entity_id   1
_entity_poly.type   'polypeptide(L)'
_entity_poly.pdbx_seq_one_letter_code
;DGCLSNPCFPGAQCSSFPDGSWSCGFCPVGFLGNGTHCEDLDECALVPDICFSTSKVPRCVNTQPGFHCLPCPPRYRGNQ
PVGVGLEAAKTEKQVCEPENPCKDKTHNCHKHAECIYLGHFSDPMYKCECQTGYAGDGLICGEDSDLDGWPSLNLVCATN
ATYHCIKDNCPHLPNSGQEDFDKDGIGDACDDDDDNDGVTDEKDNCQLLFNPRQADYDKDEVGDRCDNCPYVHNPAQIDT
DNNGEGDACSVDIDGDDVFNERDNCPYVYNTDQRDTDGDGVGDHCDNCPLVHNPDQTDVDNDLVGDQCDNNEDIDDDGHQ
NNQDNCPYISNANQADHDRDGQGDACDPDDDNDGVPDDRDNCRLVFNPDQEDLDGDGRGDICKDDFDNDNIPDIDDVCPE
NNAISETDFRNFQMVPLDPKGTTQIDPNWVIRHQGKELVQTANSDPGIAVGFDEFGSVDFSGTFYVNTDRDDDYAGFVFG
YQSSSRFYVVMWKQVTQTYWEDQPTRAYGYSGVSLKVVNSTTGTGEHLRNALWHTGNTPGQVRTLWHDPRNIGWKDYTAY
RWHLTHRPKTGYIRVLVHEGKQVMADSGPIYDQTYAGGRLGLFVFSQEMVYFSDLKYECRDI
;
_entity_poly.pdbx_strand_id   A
#
# COMPACT_ATOMS: atom_id res chain seq x y z
N ASP A 1 -13.11 -73.58 -34.27
CA ASP A 1 -12.73 -73.97 -35.66
C ASP A 1 -12.41 -72.74 -36.51
N GLY A 2 -13.42 -71.90 -36.75
CA GLY A 2 -13.24 -70.71 -37.58
C GLY A 2 -12.63 -69.55 -36.84
N CYS A 3 -12.54 -69.66 -35.51
CA CYS A 3 -11.96 -68.60 -34.69
C CYS A 3 -10.45 -68.72 -34.59
N LEU A 4 -9.90 -69.75 -35.21
CA LEU A 4 -8.44 -69.92 -35.24
C LEU A 4 -7.79 -68.87 -36.13
N SER A 5 -8.56 -68.31 -37.06
CA SER A 5 -8.04 -67.35 -38.03
C SER A 5 -8.21 -65.89 -37.58
N ASN A 6 -8.15 -65.66 -36.27
CA ASN A 6 -8.42 -64.34 -35.69
C ASN A 6 -9.16 -63.35 -36.60
N PRO A 7 -10.48 -63.54 -36.76
CA PRO A 7 -11.28 -62.67 -37.62
C PRO A 7 -11.89 -61.50 -36.86
N CYS A 8 -11.89 -61.58 -35.54
CA CYS A 8 -12.50 -60.54 -34.71
C CYS A 8 -11.44 -59.58 -34.18
N PHE A 9 -11.69 -58.29 -34.33
CA PHE A 9 -10.81 -57.27 -33.75
C PHE A 9 -10.14 -57.80 -32.48
N PRO A 10 -8.82 -57.59 -32.35
CA PRO A 10 -8.11 -58.13 -31.19
C PRO A 10 -8.66 -57.55 -29.90
N GLY A 11 -8.98 -58.41 -28.94
CA GLY A 11 -9.60 -57.98 -27.70
C GLY A 11 -11.04 -58.43 -27.62
N ALA A 12 -11.68 -58.54 -28.78
CA ALA A 12 -13.06 -59.04 -28.88
C ALA A 12 -13.13 -60.56 -28.73
N GLN A 13 -14.26 -61.04 -28.23
CA GLN A 13 -14.46 -62.49 -28.08
C GLN A 13 -14.96 -63.12 -29.39
N CYS A 14 -14.31 -64.19 -29.82
CA CYS A 14 -14.67 -64.85 -31.06
C CYS A 14 -15.46 -66.12 -30.78
N SER A 15 -16.77 -66.08 -31.03
CA SER A 15 -17.61 -67.27 -30.90
C SER A 15 -17.52 -68.13 -32.15
N SER A 16 -17.17 -69.40 -31.98
CA SER A 16 -17.08 -70.33 -33.10
C SER A 16 -18.23 -71.32 -33.11
N PHE A 17 -18.86 -71.51 -34.27
CA PHE A 17 -19.99 -72.41 -34.38
C PHE A 17 -19.61 -73.66 -35.16
N PRO A 18 -20.31 -74.77 -34.88
CA PRO A 18 -20.04 -76.09 -35.45
C PRO A 18 -19.88 -76.13 -36.98
N ASP A 19 -20.42 -75.17 -37.69
CA ASP A 19 -20.31 -75.14 -39.16
C ASP A 19 -19.14 -74.28 -39.64
N GLY A 20 -18.22 -73.97 -38.74
CA GLY A 20 -17.03 -73.21 -39.11
C GLY A 20 -17.22 -71.71 -39.17
N SER A 21 -18.47 -71.26 -39.06
CA SER A 21 -18.77 -69.83 -39.03
C SER A 21 -18.51 -69.25 -37.65
N TRP A 22 -18.40 -67.92 -37.57
CA TRP A 22 -18.04 -67.27 -36.32
C TRP A 22 -18.78 -65.96 -36.14
N SER A 23 -18.67 -65.40 -34.94
CA SER A 23 -19.33 -64.15 -34.62
C SER A 23 -18.50 -63.31 -33.66
N CYS A 24 -18.46 -62.02 -33.94
CA CYS A 24 -17.72 -61.06 -33.14
C CYS A 24 -18.68 -60.27 -32.28
N GLY A 25 -18.55 -60.42 -30.96
CA GLY A 25 -19.46 -59.75 -30.04
C GLY A 25 -18.80 -58.61 -29.30
N PHE A 26 -17.95 -58.95 -28.35
CA PHE A 26 -17.25 -57.98 -27.52
C PHE A 26 -16.64 -56.82 -28.32
N CYS A 27 -16.33 -55.74 -27.62
CA CYS A 27 -15.29 -54.81 -28.05
C CYS A 27 -14.53 -54.35 -26.81
N PRO A 28 -13.19 -54.31 -26.91
CA PRO A 28 -12.40 -54.09 -25.71
C PRO A 28 -12.76 -52.77 -25.05
N VAL A 29 -13.56 -52.84 -23.99
CA VAL A 29 -14.02 -51.65 -23.29
C VAL A 29 -12.97 -50.53 -23.46
N GLY A 30 -13.33 -49.55 -24.28
CA GLY A 30 -12.41 -48.50 -24.69
C GLY A 30 -12.51 -48.26 -26.19
N PHE A 31 -13.24 -49.14 -26.87
CA PHE A 31 -13.42 -49.07 -28.33
C PHE A 31 -14.88 -48.93 -28.75
N LEU A 32 -15.10 -48.55 -30.01
CA LEU A 32 -16.43 -48.16 -30.51
C LEU A 32 -17.51 -49.25 -30.43
N GLY A 33 -17.51 -50.19 -31.39
CA GLY A 33 -18.34 -51.39 -31.24
C GLY A 33 -19.10 -51.92 -32.45
N ASN A 34 -18.38 -52.35 -33.48
CA ASN A 34 -19.01 -53.06 -34.59
C ASN A 34 -18.84 -54.56 -34.42
N GLY A 35 -17.72 -54.96 -33.82
CA GLY A 35 -17.42 -56.37 -33.59
C GLY A 35 -16.12 -56.78 -34.26
N THR A 36 -16.09 -56.61 -35.58
CA THR A 36 -14.92 -56.96 -36.38
C THR A 36 -14.03 -55.75 -36.54
N HIS A 37 -14.65 -54.65 -36.97
CA HIS A 37 -13.98 -53.37 -37.07
C HIS A 37 -14.36 -52.54 -35.86
N CYS A 38 -13.42 -52.37 -34.94
CA CYS A 38 -13.71 -51.61 -33.73
C CYS A 38 -12.69 -50.48 -33.52
N GLU A 39 -13.22 -49.26 -33.31
CA GLU A 39 -12.37 -48.06 -33.20
C GLU A 39 -12.32 -47.48 -31.78
N ASP A 40 -11.44 -46.50 -31.58
CA ASP A 40 -11.21 -45.89 -30.26
C ASP A 40 -12.37 -45.04 -29.77
N LEU A 41 -12.65 -45.14 -28.47
CA LEU A 41 -13.70 -44.36 -27.83
C LEU A 41 -13.17 -43.04 -27.31
N ASP A 42 -13.98 -41.98 -27.42
CA ASP A 42 -13.63 -40.70 -26.82
C ASP A 42 -14.32 -40.51 -25.48
N GLU A 43 -13.73 -41.06 -24.43
CA GLU A 43 -14.27 -40.93 -23.09
C GLU A 43 -14.44 -39.47 -22.67
N CYS A 44 -13.56 -38.60 -23.15
CA CYS A 44 -13.62 -37.17 -22.82
C CYS A 44 -14.87 -36.51 -23.41
N ALA A 45 -14.74 -36.03 -24.65
CA ALA A 45 -15.77 -35.24 -25.31
C ALA A 45 -17.03 -36.07 -25.59
N LEU A 46 -18.15 -35.37 -25.74
CA LEU A 46 -19.46 -35.98 -26.01
C LEU A 46 -19.93 -37.02 -24.98
N VAL A 47 -19.20 -37.13 -23.86
CA VAL A 47 -19.63 -38.00 -22.78
C VAL A 47 -19.85 -37.24 -21.46
N PRO A 48 -18.90 -37.33 -20.50
CA PRO A 48 -19.10 -36.60 -19.26
C PRO A 48 -18.38 -35.25 -19.18
N ASP A 49 -17.67 -35.02 -18.08
CA ASP A 49 -17.01 -33.76 -17.76
C ASP A 49 -16.05 -33.99 -16.61
N ILE A 50 -15.32 -35.10 -16.68
CA ILE A 50 -14.65 -35.63 -15.50
C ILE A 50 -13.21 -35.14 -15.27
N CYS A 51 -12.84 -34.04 -15.91
CA CYS A 51 -11.59 -33.35 -15.59
C CYS A 51 -11.89 -31.90 -15.18
N PHE A 52 -11.06 -31.36 -14.30
CA PHE A 52 -11.28 -30.02 -13.74
C PHE A 52 -10.93 -28.90 -14.72
N SER A 53 -11.94 -28.16 -15.15
CA SER A 53 -11.75 -27.04 -16.08
C SER A 53 -11.25 -25.79 -15.36
N THR A 54 -10.18 -25.20 -15.88
CA THR A 54 -9.54 -24.03 -15.27
C THR A 54 -10.25 -22.73 -15.64
N SER A 55 -11.56 -22.83 -15.87
CA SER A 55 -12.33 -21.72 -16.42
C SER A 55 -12.14 -21.68 -17.93
N LYS A 56 -11.36 -22.63 -18.44
CA LYS A 56 -11.19 -22.85 -19.87
C LYS A 56 -12.13 -23.94 -20.35
N VAL A 57 -11.65 -24.78 -21.26
CA VAL A 57 -12.44 -25.90 -21.76
C VAL A 57 -11.60 -27.19 -21.96
N PRO A 58 -10.39 -27.06 -22.50
CA PRO A 58 -9.62 -28.23 -22.93
C PRO A 58 -8.81 -28.94 -21.81
N ARG A 59 -9.48 -29.67 -20.92
CA ARG A 59 -8.77 -30.29 -19.80
C ARG A 59 -8.61 -31.82 -19.87
N CYS A 60 -9.44 -32.46 -20.69
CA CYS A 60 -9.41 -33.92 -20.85
C CYS A 60 -8.74 -34.33 -22.15
N VAL A 61 -7.75 -35.22 -22.06
CA VAL A 61 -7.10 -35.72 -23.27
C VAL A 61 -7.55 -37.15 -23.61
N ASN A 62 -7.72 -37.40 -24.90
CA ASN A 62 -8.21 -38.69 -25.39
C ASN A 62 -7.07 -39.54 -25.92
N THR A 63 -6.98 -40.78 -25.44
CA THR A 63 -5.90 -41.67 -25.84
C THR A 63 -6.42 -42.89 -26.61
N GLN A 64 -5.51 -43.59 -27.29
CA GLN A 64 -5.87 -44.72 -28.13
C GLN A 64 -6.70 -45.75 -27.36
N PRO A 65 -6.08 -46.40 -26.35
CA PRO A 65 -6.87 -47.12 -25.37
C PRO A 65 -7.16 -46.25 -24.15
N GLY A 66 -8.44 -46.01 -23.87
CA GLY A 66 -8.84 -45.32 -22.63
C GLY A 66 -8.77 -43.79 -22.68
N PHE A 67 -8.53 -43.19 -21.51
CA PHE A 67 -8.45 -41.73 -21.40
C PHE A 67 -7.47 -41.26 -20.32
N HIS A 68 -7.36 -39.95 -20.17
CA HIS A 68 -6.33 -39.35 -19.29
C HIS A 68 -6.68 -37.92 -18.86
N CYS A 69 -6.95 -37.71 -17.57
CA CYS A 69 -7.11 -36.36 -17.03
C CYS A 69 -5.76 -35.65 -16.98
N LEU A 70 -5.79 -34.32 -17.05
CA LEU A 70 -4.57 -33.53 -16.99
C LEU A 70 -4.33 -33.14 -15.53
N PRO A 71 -3.06 -33.02 -15.11
CA PRO A 71 -2.81 -32.74 -13.70
C PRO A 71 -3.28 -31.34 -13.35
N CYS A 72 -3.80 -31.16 -12.13
CA CYS A 72 -4.28 -29.86 -11.69
C CYS A 72 -3.28 -28.80 -12.11
N PRO A 73 -3.78 -27.65 -12.60
CA PRO A 73 -2.90 -26.63 -13.11
C PRO A 73 -2.23 -25.84 -11.98
N PRO A 74 -1.29 -24.94 -12.33
CA PRO A 74 -0.72 -24.08 -11.31
C PRO A 74 -1.80 -23.39 -10.49
N ARG A 75 -1.51 -23.16 -9.21
CA ARG A 75 -2.46 -22.59 -8.25
C ARG A 75 -3.41 -23.63 -7.66
N TYR A 76 -3.32 -24.87 -8.16
CA TYR A 76 -4.18 -25.95 -7.70
C TYR A 76 -3.43 -27.22 -7.32
N ARG A 77 -4.10 -28.08 -6.55
CA ARG A 77 -3.51 -29.32 -6.05
C ARG A 77 -4.60 -30.38 -5.90
N GLY A 78 -4.31 -31.59 -6.39
CA GLY A 78 -5.28 -32.67 -6.31
C GLY A 78 -4.87 -33.91 -7.08
N ASN A 79 -5.83 -34.81 -7.29
CA ASN A 79 -5.57 -36.07 -8.00
C ASN A 79 -5.59 -35.92 -9.52
N GLN A 80 -5.24 -37.00 -10.22
CA GLN A 80 -5.24 -36.98 -11.68
C GLN A 80 -5.70 -38.31 -12.27
N PRO A 81 -7.02 -38.50 -12.40
CA PRO A 81 -7.66 -39.72 -12.90
C PRO A 81 -7.06 -40.28 -14.20
N VAL A 82 -6.84 -41.58 -14.20
CA VAL A 82 -6.42 -42.31 -15.40
C VAL A 82 -7.35 -43.51 -15.55
N GLY A 83 -7.94 -43.68 -16.73
CA GLY A 83 -8.86 -44.77 -16.96
C GLY A 83 -8.84 -45.32 -18.36
N VAL A 84 -9.07 -46.62 -18.47
CA VAL A 84 -9.28 -47.28 -19.75
C VAL A 84 -10.69 -47.88 -19.71
N GLY A 85 -11.59 -47.33 -20.52
CA GLY A 85 -12.95 -47.84 -20.53
C GLY A 85 -14.03 -46.80 -20.40
N LEU A 86 -15.27 -47.24 -20.53
CA LEU A 86 -16.42 -46.33 -20.59
C LEU A 86 -17.08 -46.18 -19.23
N GLU A 87 -17.07 -47.26 -18.45
CA GLU A 87 -17.67 -47.22 -17.12
C GLU A 87 -16.65 -46.71 -16.08
N ALA A 88 -15.39 -46.64 -16.49
CA ALA A 88 -14.36 -46.04 -15.66
C ALA A 88 -14.43 -44.51 -15.76
N ALA A 89 -15.20 -44.02 -16.73
CA ALA A 89 -15.27 -42.59 -17.02
C ALA A 89 -16.39 -41.87 -16.27
N LYS A 90 -17.53 -42.54 -16.10
CA LYS A 90 -18.65 -41.95 -15.36
C LYS A 90 -18.31 -41.88 -13.87
N THR A 91 -17.77 -42.97 -13.35
CA THR A 91 -17.21 -42.99 -12.01
C THR A 91 -15.80 -42.42 -12.08
N GLU A 92 -15.30 -41.92 -10.95
CA GLU A 92 -13.99 -41.24 -10.90
C GLU A 92 -13.98 -39.88 -11.60
N LYS A 93 -13.81 -38.83 -10.79
CA LYS A 93 -13.87 -37.45 -11.29
C LYS A 93 -12.77 -36.62 -10.63
N GLN A 94 -12.08 -35.79 -11.41
CA GLN A 94 -10.94 -35.03 -10.90
C GLN A 94 -11.36 -33.94 -9.92
N VAL A 95 -10.66 -33.87 -8.80
CA VAL A 95 -10.88 -32.81 -7.81
C VAL A 95 -9.59 -32.04 -7.56
N CYS A 96 -9.62 -30.75 -7.88
CA CYS A 96 -8.49 -29.87 -7.61
C CYS A 96 -8.90 -28.84 -6.56
N GLU A 97 -8.01 -28.59 -5.61
CA GLU A 97 -8.22 -27.58 -4.58
C GLU A 97 -7.29 -26.41 -4.84
N PRO A 98 -7.76 -25.18 -4.60
CA PRO A 98 -6.89 -24.00 -4.73
C PRO A 98 -5.79 -23.98 -3.68
N GLU A 99 -4.53 -23.99 -4.13
CA GLU A 99 -3.37 -23.97 -3.23
C GLU A 99 -3.42 -22.80 -2.27
N ASN A 100 -2.68 -22.93 -1.17
CA ASN A 100 -2.50 -21.86 -0.18
C ASN A 100 -1.40 -22.23 0.81
N PRO A 101 -0.14 -22.05 0.40
CA PRO A 101 1.05 -22.44 1.16
C PRO A 101 1.05 -22.02 2.63
N CYS A 102 0.29 -20.99 2.97
CA CYS A 102 0.17 -20.57 4.37
C CYS A 102 -0.75 -21.51 5.12
N LYS A 103 -2.04 -21.49 4.75
CA LYS A 103 -3.04 -22.37 5.36
C LYS A 103 -2.75 -23.85 5.11
N ASP A 104 -1.86 -24.16 4.18
CA ASP A 104 -1.48 -25.53 3.92
C ASP A 104 -0.28 -25.91 4.77
N LYS A 105 0.29 -24.91 5.43
CA LYS A 105 1.55 -25.07 6.16
C LYS A 105 2.62 -25.83 5.35
N THR A 106 2.77 -25.44 4.08
CA THR A 106 3.74 -26.05 3.19
C THR A 106 4.82 -25.05 2.77
N HIS A 107 4.83 -23.88 3.41
CA HIS A 107 5.79 -22.82 3.10
C HIS A 107 7.13 -23.11 3.75
N ASN A 108 8.08 -22.21 3.57
CA ASN A 108 9.33 -22.27 4.32
C ASN A 108 9.74 -20.94 4.92
N CYS A 109 8.81 -20.34 5.66
CA CYS A 109 9.07 -19.11 6.39
C CYS A 109 9.75 -19.43 7.70
N HIS A 110 10.60 -18.52 8.15
CA HIS A 110 11.26 -18.65 9.43
C HIS A 110 10.27 -18.83 10.59
N LYS A 111 10.71 -19.48 11.65
CA LYS A 111 9.85 -19.69 12.82
C LYS A 111 9.36 -18.36 13.35
N HIS A 112 10.13 -17.30 13.10
CA HIS A 112 9.77 -15.95 13.49
C HIS A 112 9.38 -15.09 12.30
N ALA A 113 8.85 -15.74 11.28
CA ALA A 113 8.29 -15.04 10.13
C ALA A 113 6.81 -15.41 9.98
N GLU A 114 6.08 -14.62 9.22
CA GLU A 114 4.68 -14.92 8.95
C GLU A 114 4.53 -15.37 7.51
N CYS A 115 3.68 -16.36 7.28
CA CYS A 115 3.29 -16.65 5.92
C CYS A 115 2.17 -15.69 5.58
N ILE A 116 2.38 -14.91 4.53
CA ILE A 116 1.39 -13.93 4.11
C ILE A 116 0.80 -14.30 2.74
N TYR A 117 -0.47 -14.70 2.76
CA TYR A 117 -1.20 -15.04 1.55
C TYR A 117 -1.39 -13.79 0.70
N LEU A 118 -0.96 -13.84 -0.56
CA LEU A 118 -1.03 -12.67 -1.42
C LEU A 118 -2.25 -12.63 -2.35
N GLY A 119 -3.11 -13.64 -2.26
CA GLY A 119 -4.27 -13.74 -3.14
C GLY A 119 -4.08 -14.87 -4.13
N HIS A 120 -5.18 -15.49 -4.56
CA HIS A 120 -5.11 -16.65 -5.44
C HIS A 120 -4.35 -16.38 -6.73
N PHE A 121 -4.68 -15.28 -7.40
CA PHE A 121 -4.10 -14.98 -8.70
C PHE A 121 -2.78 -14.20 -8.62
N SER A 122 -2.25 -14.08 -7.42
CA SER A 122 -1.04 -13.27 -7.20
C SER A 122 0.20 -14.00 -7.70
N ASP A 123 1.18 -13.25 -8.19
CA ASP A 123 2.46 -13.84 -8.55
C ASP A 123 3.62 -13.28 -7.73
N PRO A 124 4.09 -14.04 -6.72
CA PRO A 124 3.63 -15.37 -6.33
C PRO A 124 2.46 -15.35 -5.36
N MET A 125 1.96 -16.54 -5.01
CA MET A 125 0.75 -16.65 -4.21
C MET A 125 0.94 -16.31 -2.74
N TYR A 126 2.20 -16.20 -2.32
CA TYR A 126 2.51 -15.94 -0.93
C TYR A 126 3.93 -15.44 -0.75
N LYS A 127 4.19 -14.88 0.43
CA LYS A 127 5.54 -14.46 0.79
C LYS A 127 5.78 -14.63 2.29
N CYS A 128 7.04 -14.66 2.68
CA CYS A 128 7.41 -14.71 4.08
C CYS A 128 7.88 -13.33 4.53
N GLU A 129 7.33 -12.86 5.65
CA GLU A 129 7.80 -11.64 6.27
C GLU A 129 8.12 -11.87 7.72
N CYS A 130 9.25 -11.33 8.17
CA CYS A 130 9.63 -11.38 9.58
C CYS A 130 8.61 -10.63 10.43
N GLN A 131 8.26 -11.22 11.58
CA GLN A 131 7.30 -10.60 12.48
C GLN A 131 7.89 -9.40 13.22
N THR A 132 7.01 -8.56 13.76
CA THR A 132 7.42 -7.38 14.51
C THR A 132 8.40 -7.73 15.61
N GLY A 133 9.58 -7.11 15.57
CA GLY A 133 10.65 -7.42 16.52
C GLY A 133 11.80 -8.15 15.86
N TYR A 134 11.57 -8.58 14.62
CA TYR A 134 12.56 -9.33 13.88
C TYR A 134 12.81 -8.66 12.54
N ALA A 135 13.86 -9.07 11.85
CA ALA A 135 14.14 -8.54 10.53
C ALA A 135 14.91 -9.56 9.69
N GLY A 136 14.71 -9.52 8.39
CA GLY A 136 15.40 -10.40 7.47
C GLY A 136 14.65 -10.51 6.17
N ASP A 137 14.89 -11.59 5.43
CA ASP A 137 14.27 -11.79 4.13
C ASP A 137 13.01 -12.64 4.23
N GLY A 138 12.81 -13.28 5.39
CA GLY A 138 11.61 -14.07 5.59
C GLY A 138 11.91 -15.55 5.76
N LEU A 139 13.03 -15.97 5.22
CA LEU A 139 13.50 -17.33 5.43
C LEU A 139 14.35 -17.32 6.70
N ILE A 140 14.95 -16.17 6.96
CA ILE A 140 15.80 -15.97 8.12
C ILE A 140 15.48 -14.62 8.76
N CYS A 141 15.22 -14.65 10.06
CA CYS A 141 14.81 -13.48 10.81
C CYS A 141 15.70 -13.37 12.04
N GLY A 142 16.16 -12.16 12.35
CA GLY A 142 16.97 -11.91 13.55
C GLY A 142 16.33 -10.84 14.40
N GLU A 143 16.98 -10.48 15.51
CA GLU A 143 16.42 -9.46 16.40
C GLU A 143 16.42 -8.06 15.78
N ASP A 144 15.30 -7.38 15.95
CA ASP A 144 15.14 -6.00 15.50
C ASP A 144 14.42 -5.23 16.60
N SER A 145 15.18 -4.72 17.55
CA SER A 145 14.58 -4.20 18.79
C SER A 145 14.02 -2.79 18.66
N ASP A 146 14.50 -2.03 17.66
CA ASP A 146 13.98 -0.68 17.41
C ASP A 146 13.00 -0.67 16.25
N LEU A 147 12.64 -1.86 15.77
CA LEU A 147 11.54 -2.03 14.81
C LEU A 147 11.66 -1.25 13.51
N ASP A 148 12.87 -0.98 13.04
CA ASP A 148 13.04 -0.21 11.81
C ASP A 148 13.37 -1.10 10.62
N GLY A 149 13.08 -2.39 10.76
CA GLY A 149 13.27 -3.34 9.66
C GLY A 149 14.72 -3.73 9.40
N TRP A 150 15.67 -3.09 10.07
CA TRP A 150 17.06 -3.56 10.04
C TRP A 150 17.42 -4.22 11.37
N PRO A 151 18.06 -5.41 11.31
CA PRO A 151 18.37 -6.24 12.47
C PRO A 151 19.68 -5.82 13.12
N SER A 152 20.03 -6.48 14.23
CA SER A 152 21.18 -6.08 15.05
C SER A 152 22.51 -6.59 14.54
N LEU A 153 22.49 -7.66 13.74
CA LEU A 153 23.70 -8.22 13.18
C LEU A 153 23.46 -8.65 11.76
N ASN A 154 24.52 -8.81 10.98
CA ASN A 154 24.38 -9.38 9.65
C ASN A 154 23.88 -10.81 9.80
N LEU A 155 23.02 -11.23 8.91
CA LEU A 155 22.50 -12.57 8.94
C LEU A 155 23.00 -13.33 7.72
N VAL A 156 22.99 -14.66 7.76
CA VAL A 156 23.36 -15.48 6.61
C VAL A 156 22.53 -15.05 5.42
N CYS A 157 21.75 -14.01 5.64
CA CYS A 157 20.83 -13.45 4.66
C CYS A 157 21.53 -12.37 3.85
N ALA A 158 22.80 -12.11 4.16
CA ALA A 158 23.51 -10.91 3.71
C ALA A 158 23.56 -10.68 2.20
N THR A 159 24.32 -11.51 1.50
CA THR A 159 24.68 -11.26 0.10
C THR A 159 23.63 -11.67 -0.95
N ASN A 160 22.68 -12.52 -0.58
CA ASN A 160 21.66 -12.97 -1.53
C ASN A 160 20.33 -12.24 -1.36
N ALA A 161 20.35 -11.18 -0.55
CA ALA A 161 19.16 -10.36 -0.34
C ALA A 161 19.50 -8.87 -0.32
N THR A 162 18.55 -8.07 -0.79
CA THR A 162 18.77 -6.64 -0.94
C THR A 162 18.65 -5.85 0.38
N TYR A 163 17.55 -6.02 1.09
CA TYR A 163 17.33 -5.24 2.31
C TYR A 163 17.44 -6.07 3.60
N HIS A 164 17.09 -5.44 4.72
CA HIS A 164 16.81 -6.12 5.99
C HIS A 164 17.76 -7.22 6.49
N CYS A 165 18.93 -7.37 5.89
CA CYS A 165 19.80 -8.48 6.30
C CYS A 165 21.21 -8.06 6.69
N ILE A 166 21.41 -6.75 6.84
CA ILE A 166 22.72 -6.21 7.18
C ILE A 166 22.60 -5.40 8.48
N LYS A 167 23.65 -5.47 9.30
CA LYS A 167 23.63 -4.90 10.65
C LYS A 167 23.08 -3.47 10.74
N ASP A 168 22.04 -3.29 11.55
CA ASP A 168 21.51 -1.95 11.83
C ASP A 168 22.64 -1.05 12.29
N ASN A 169 22.84 0.08 11.62
CA ASN A 169 23.93 0.99 11.99
C ASN A 169 23.62 1.93 13.16
N CYS A 170 22.38 1.86 13.65
CA CYS A 170 21.96 2.54 14.88
C CYS A 170 20.99 1.57 15.56
N PRO A 171 21.54 0.58 16.28
CA PRO A 171 20.74 -0.52 16.83
C PRO A 171 19.56 -0.09 17.70
N HIS A 172 19.69 1.04 18.40
CA HIS A 172 18.69 1.44 19.39
C HIS A 172 17.80 2.61 19.00
N LEU A 173 18.09 3.24 17.86
CA LEU A 173 17.33 4.37 17.40
C LEU A 173 16.77 4.08 16.01
N PRO A 174 15.44 4.14 15.84
CA PRO A 174 14.88 3.81 14.54
C PRO A 174 15.42 4.73 13.46
N ASN A 175 15.99 4.13 12.43
CA ASN A 175 16.46 4.87 11.27
C ASN A 175 16.44 3.96 10.04
N SER A 176 15.22 3.74 9.54
CA SER A 176 14.93 2.73 8.52
C SER A 176 15.47 3.10 7.16
N GLY A 177 15.99 4.32 7.06
CA GLY A 177 16.71 4.73 5.86
C GLY A 177 18.14 4.21 5.91
N GLN A 178 18.67 4.05 7.12
CA GLN A 178 20.04 3.61 7.32
C GLN A 178 21.07 4.55 6.67
N GLU A 179 20.67 5.79 6.41
CA GLU A 179 21.60 6.78 5.89
C GLU A 179 22.82 6.84 6.80
N ASP A 180 24.00 6.64 6.20
CA ASP A 180 25.26 6.85 6.89
C ASP A 180 26.20 7.60 5.96
N PHE A 181 26.17 8.93 6.04
CA PHE A 181 26.86 9.76 5.06
C PHE A 181 28.38 9.58 5.00
N ASP A 182 29.04 9.66 6.15
CA ASP A 182 30.49 9.59 6.22
C ASP A 182 30.96 8.14 6.12
N LYS A 183 30.01 7.21 6.16
CA LYS A 183 30.31 5.81 5.88
C LYS A 183 31.13 5.12 6.96
N ASP A 184 31.15 5.67 8.17
CA ASP A 184 31.90 5.05 9.26
C ASP A 184 31.10 4.00 10.03
N GLY A 185 30.07 3.45 9.39
CA GLY A 185 29.28 2.36 9.96
C GLY A 185 28.38 2.81 11.10
N ILE A 186 28.63 4.02 11.59
CA ILE A 186 27.71 4.68 12.53
C ILE A 186 26.75 5.56 11.72
N GLY A 187 25.48 5.20 11.72
CA GLY A 187 24.48 5.92 10.93
C GLY A 187 24.24 7.36 11.34
N ASP A 188 23.76 8.18 10.41
CA ASP A 188 23.54 9.60 10.65
C ASP A 188 22.68 9.87 11.88
N ALA A 189 21.61 9.11 12.03
CA ALA A 189 20.63 9.35 13.09
C ALA A 189 21.24 9.31 14.48
N CYS A 190 22.27 8.50 14.67
CA CYS A 190 22.87 8.33 15.99
C CYS A 190 24.34 8.72 15.98
N ASP A 191 24.77 9.38 14.90
CA ASP A 191 26.15 9.83 14.76
C ASP A 191 26.27 11.23 15.31
N ASP A 192 27.22 11.42 16.24
CA ASP A 192 27.52 12.73 16.82
C ASP A 192 28.12 13.71 15.80
N ASP A 193 28.74 13.16 14.77
CA ASP A 193 29.35 13.96 13.73
C ASP A 193 29.19 13.24 12.38
N ASP A 194 28.15 13.65 11.64
CA ASP A 194 27.72 12.93 10.44
C ASP A 194 28.67 13.04 9.26
N ASP A 195 29.78 13.74 9.42
CA ASP A 195 30.71 13.93 8.30
C ASP A 195 32.16 13.80 8.74
N ASN A 196 32.35 13.47 10.01
CA ASN A 196 33.69 13.28 10.58
C ASN A 196 34.64 14.44 10.32
N ASP A 197 34.11 15.67 10.33
CA ASP A 197 34.97 16.83 10.19
C ASP A 197 35.31 17.40 11.57
N GLY A 198 34.88 16.69 12.61
CA GLY A 198 35.22 17.05 13.98
C GLY A 198 34.30 18.10 14.58
N VAL A 199 33.45 18.70 13.76
CA VAL A 199 32.48 19.65 14.27
C VAL A 199 31.17 18.93 14.57
N THR A 200 30.92 18.70 15.86
CA THR A 200 29.71 18.05 16.30
C THR A 200 28.50 18.63 15.57
N ASP A 201 27.65 17.78 15.02
CA ASP A 201 26.73 18.25 14.00
C ASP A 201 25.57 19.15 14.49
N GLU A 202 25.53 19.43 15.79
CA GLU A 202 24.59 20.43 16.30
C GLU A 202 25.15 21.83 16.12
N LYS A 203 26.47 21.92 16.05
CA LYS A 203 27.15 23.21 15.87
C LYS A 203 27.61 23.37 14.43
N ASP A 204 27.46 22.31 13.64
CA ASP A 204 27.94 22.31 12.27
C ASP A 204 26.90 22.92 11.35
N ASN A 205 27.27 23.98 10.64
CA ASN A 205 26.37 24.65 9.71
C ASN A 205 26.29 23.97 8.34
N CYS A 206 26.99 22.84 8.22
CA CYS A 206 26.91 21.98 7.03
C CYS A 206 27.03 20.52 7.45
N GLN A 207 26.05 20.06 8.22
CA GLN A 207 26.06 18.70 8.77
C GLN A 207 26.56 17.63 7.81
N LEU A 208 26.08 17.66 6.58
CA LEU A 208 26.39 16.59 5.64
C LEU A 208 27.44 17.00 4.62
N LEU A 209 28.40 17.81 5.05
CA LEU A 209 29.54 18.15 4.22
C LEU A 209 30.75 18.53 5.06
N PHE A 210 31.93 18.15 4.57
CA PHE A 210 33.17 18.43 5.27
C PHE A 210 33.53 19.91 5.16
N ASN A 211 33.61 20.60 6.31
CA ASN A 211 33.98 22.02 6.33
C ASN A 211 34.34 22.51 7.74
N PRO A 212 35.58 22.24 8.18
CA PRO A 212 35.96 22.47 9.57
C PRO A 212 36.09 23.95 9.93
N ARG A 213 36.34 24.78 8.91
CA ARG A 213 36.53 26.21 9.13
C ARG A 213 35.22 26.94 9.38
N GLN A 214 34.11 26.35 8.93
CA GLN A 214 32.77 26.92 9.12
C GLN A 214 32.63 28.24 8.37
N ALA A 215 33.06 28.26 7.11
CA ALA A 215 33.01 29.48 6.30
C ALA A 215 31.57 29.84 5.94
N ASP A 216 31.10 30.97 6.45
CA ASP A 216 29.72 31.40 6.19
C ASP A 216 29.61 32.88 5.80
N TYR A 217 29.63 33.15 4.50
CA TYR A 217 29.49 34.51 3.98
C TYR A 217 28.33 35.23 4.65
N ASP A 218 27.14 35.18 4.03
CA ASP A 218 25.94 35.65 4.70
C ASP A 218 25.73 34.79 5.93
N LYS A 219 25.29 35.39 7.03
CA LYS A 219 25.20 34.67 8.29
C LYS A 219 23.85 33.97 8.49
N ASP A 220 23.37 33.31 7.45
CA ASP A 220 22.14 32.51 7.53
C ASP A 220 22.40 31.15 8.17
N GLU A 221 23.62 30.98 8.69
CA GLU A 221 24.00 29.78 9.43
C GLU A 221 23.93 28.48 8.63
N VAL A 222 24.25 28.58 7.34
CA VAL A 222 24.43 27.41 6.48
C VAL A 222 25.74 27.59 5.69
N GLY A 223 26.83 27.04 6.22
CA GLY A 223 28.17 27.25 5.66
C GLY A 223 28.28 27.31 4.15
N ASP A 224 29.33 27.95 3.67
CA ASP A 224 29.54 28.21 2.25
C ASP A 224 29.52 26.96 1.39
N ARG A 225 30.22 25.92 1.83
CA ARG A 225 30.45 24.77 0.96
C ARG A 225 29.18 23.95 0.66
N CYS A 226 28.17 24.09 1.51
CA CYS A 226 26.92 23.35 1.34
C CYS A 226 25.72 24.27 1.10
N ASP A 227 25.99 25.57 1.07
CA ASP A 227 24.96 26.59 0.86
C ASP A 227 24.60 26.68 -0.62
N ASN A 228 23.34 26.44 -0.96
CA ASN A 228 22.90 26.46 -2.36
C ASN A 228 22.70 27.87 -2.94
N CYS A 229 22.64 28.85 -2.05
CA CYS A 229 22.71 30.26 -2.42
C CYS A 229 23.72 30.90 -1.49
N PRO A 230 25.01 30.75 -1.81
CA PRO A 230 26.08 31.07 -0.87
C PRO A 230 26.12 32.54 -0.52
N TYR A 231 25.50 33.38 -1.36
CA TYR A 231 25.57 34.83 -1.18
C TYR A 231 24.29 35.46 -0.65
N VAL A 232 23.18 34.74 -0.78
CA VAL A 232 21.91 35.24 -0.27
C VAL A 232 21.49 34.50 0.98
N HIS A 233 20.59 35.12 1.75
CA HIS A 233 20.08 34.54 2.99
C HIS A 233 19.00 33.50 2.68
N ASN A 234 19.18 32.28 3.18
CA ASN A 234 18.20 31.20 2.90
C ASN A 234 18.39 29.94 3.75
N PRO A 235 18.08 30.02 5.06
CA PRO A 235 18.41 28.92 5.97
C PRO A 235 17.66 27.63 5.67
N ALA A 236 16.49 27.74 5.04
CA ALA A 236 15.72 26.56 4.67
C ALA A 236 16.27 25.91 3.40
N GLN A 237 17.15 26.63 2.70
CA GLN A 237 17.82 26.11 1.51
C GLN A 237 16.85 25.47 0.52
N ILE A 238 15.64 26.01 0.43
CA ILE A 238 14.65 25.43 -0.46
C ILE A 238 15.05 25.57 -1.91
N ASP A 239 14.90 24.47 -2.65
CA ASP A 239 15.33 24.39 -4.03
C ASP A 239 14.23 23.63 -4.77
N THR A 240 13.21 24.37 -5.19
CA THR A 240 12.08 23.75 -5.86
C THR A 240 12.53 22.71 -6.87
N ASP A 241 13.33 23.12 -7.85
CA ASP A 241 13.71 22.23 -8.96
C ASP A 241 14.95 21.38 -8.68
N ASN A 242 15.38 21.37 -7.42
CA ASN A 242 16.42 20.45 -6.96
C ASN A 242 17.62 20.36 -7.89
N ASN A 243 18.14 21.51 -8.31
CA ASN A 243 19.28 21.54 -9.22
C ASN A 243 20.53 22.13 -8.59
N GLY A 244 20.64 22.03 -7.27
CA GLY A 244 21.79 22.56 -6.55
C GLY A 244 21.70 24.05 -6.30
N GLU A 245 20.80 24.73 -7.03
CA GLU A 245 20.59 26.18 -6.87
C GLU A 245 19.30 26.47 -6.11
N GLY A 246 19.43 27.12 -4.96
CA GLY A 246 18.30 27.37 -4.06
C GLY A 246 17.37 28.47 -4.53
N ASP A 247 16.07 28.30 -4.27
CA ASP A 247 15.05 29.25 -4.69
C ASP A 247 15.46 30.69 -4.49
N ALA A 248 16.00 30.99 -3.31
CA ALA A 248 16.41 32.34 -2.95
C ALA A 248 17.05 33.06 -4.14
N CYS A 249 18.19 32.57 -4.56
CA CYS A 249 18.99 33.24 -5.58
C CYS A 249 18.69 32.73 -6.98
N SER A 250 17.40 32.66 -7.33
CA SER A 250 17.01 32.17 -8.64
C SER A 250 15.88 33.00 -9.28
N VAL A 251 16.04 33.32 -10.55
CA VAL A 251 15.03 34.09 -11.27
C VAL A 251 14.03 33.14 -11.90
N ASP A 252 14.27 31.85 -11.70
CA ASP A 252 13.36 30.81 -12.17
C ASP A 252 13.48 29.59 -11.28
N ILE A 253 12.72 29.59 -10.18
CA ILE A 253 12.79 28.54 -9.17
C ILE A 253 12.30 27.18 -9.66
N ASP A 254 11.37 27.17 -10.62
CA ASP A 254 10.84 25.90 -11.11
C ASP A 254 11.43 25.51 -12.47
N GLY A 255 12.45 26.24 -12.90
CA GLY A 255 13.19 25.93 -14.13
C GLY A 255 12.33 25.62 -15.34
N ASP A 256 11.37 26.50 -15.62
CA ASP A 256 10.51 26.31 -16.79
C ASP A 256 10.69 27.44 -17.79
N ASP A 257 11.77 28.21 -17.61
CA ASP A 257 12.08 29.34 -18.49
C ASP A 257 11.29 30.58 -18.17
N VAL A 258 10.02 30.40 -17.80
CA VAL A 258 9.18 31.53 -17.41
C VAL A 258 9.63 32.08 -16.06
N PHE A 259 10.17 33.30 -16.09
CA PHE A 259 10.75 33.90 -14.88
C PHE A 259 9.75 34.04 -13.76
N ASN A 260 10.28 34.20 -12.56
CA ASN A 260 9.47 34.16 -11.34
C ASN A 260 8.22 35.06 -11.35
N GLU A 261 8.40 36.36 -11.56
CA GLU A 261 7.28 37.29 -11.52
C GLU A 261 6.28 37.09 -12.66
N ARG A 262 6.77 36.60 -13.81
CA ARG A 262 5.88 36.34 -14.94
C ARG A 262 5.12 35.04 -14.77
N ASP A 263 5.71 34.13 -14.00
CA ASP A 263 5.19 32.77 -13.86
C ASP A 263 3.88 32.73 -13.11
N ASN A 264 2.82 32.26 -13.78
CA ASN A 264 1.53 32.14 -13.12
C ASN A 264 1.36 30.85 -12.31
N CYS A 265 2.47 30.13 -12.15
CA CYS A 265 2.56 28.99 -11.24
C CYS A 265 4.01 28.87 -10.82
N PRO A 266 4.53 29.89 -10.15
CA PRO A 266 5.97 30.00 -9.96
C PRO A 266 6.62 28.76 -9.34
N TYR A 267 5.86 27.99 -8.55
CA TYR A 267 6.42 26.80 -7.90
C TYR A 267 6.20 25.52 -8.71
N VAL A 268 5.37 25.59 -9.75
CA VAL A 268 5.14 24.41 -10.57
C VAL A 268 5.50 24.61 -12.03
N TYR A 269 6.31 23.69 -12.55
CA TYR A 269 6.77 23.68 -13.93
C TYR A 269 5.60 23.63 -14.89
N ASN A 270 5.41 24.71 -15.65
CA ASN A 270 4.34 24.80 -16.65
C ASN A 270 4.68 25.79 -17.75
N THR A 271 5.18 25.29 -18.88
CA THR A 271 5.67 26.17 -19.96
C THR A 271 4.57 26.77 -20.82
N ASP A 272 3.46 26.06 -21.01
CA ASP A 272 2.35 26.58 -21.81
C ASP A 272 1.54 27.65 -21.05
N GLN A 273 1.83 27.82 -19.76
CA GLN A 273 1.19 28.84 -18.93
C GLN A 273 -0.33 28.94 -19.07
N ARG A 274 -1.00 27.83 -19.37
CA ARG A 274 -2.46 27.89 -19.54
C ARG A 274 -3.15 28.42 -18.28
N ASP A 275 -4.08 29.34 -18.50
CA ASP A 275 -4.84 29.96 -17.43
C ASP A 275 -6.30 30.03 -17.88
N THR A 276 -6.95 28.88 -17.91
CA THR A 276 -8.32 28.78 -18.43
C THR A 276 -9.23 29.94 -17.99
N ASP A 277 -9.39 30.11 -16.67
CA ASP A 277 -10.35 31.07 -16.13
C ASP A 277 -9.76 32.47 -15.92
N GLY A 278 -8.45 32.59 -16.15
CA GLY A 278 -7.78 33.88 -16.17
C GLY A 278 -7.66 34.59 -14.84
N ASP A 279 -7.55 33.84 -13.76
CA ASP A 279 -7.46 34.45 -12.42
C ASP A 279 -6.03 34.77 -11.98
N GLY A 280 -5.09 34.63 -12.91
CA GLY A 280 -3.69 34.93 -12.65
C GLY A 280 -2.92 33.71 -12.16
N VAL A 281 -3.66 32.68 -11.79
CA VAL A 281 -3.10 31.45 -11.28
C VAL A 281 -3.31 30.38 -12.35
N GLY A 282 -2.22 29.73 -12.76
CA GLY A 282 -2.26 28.76 -13.86
C GLY A 282 -2.91 27.44 -13.50
N ASP A 283 -3.41 26.74 -14.52
CA ASP A 283 -4.10 25.47 -14.32
C ASP A 283 -3.33 24.46 -13.47
N HIS A 284 -2.01 24.35 -13.69
CA HIS A 284 -1.29 23.29 -13.01
C HIS A 284 -1.17 23.58 -11.53
N CYS A 285 -1.42 24.84 -11.14
CA CYS A 285 -1.40 25.19 -9.73
C CYS A 285 -2.64 25.94 -9.29
N ASP A 286 -3.74 25.75 -10.02
CA ASP A 286 -5.01 26.36 -9.65
C ASP A 286 -5.88 25.28 -9.02
N ASN A 287 -6.25 25.48 -7.76
CA ASN A 287 -7.10 24.51 -7.06
C ASN A 287 -8.57 24.75 -7.36
N CYS A 288 -8.82 25.51 -8.41
CA CYS A 288 -10.15 25.86 -8.85
C CYS A 288 -10.01 26.34 -10.29
N PRO A 289 -9.46 25.47 -11.15
CA PRO A 289 -9.01 25.78 -12.51
C PRO A 289 -10.12 26.40 -13.37
N LEU A 290 -11.36 26.01 -13.13
CA LEU A 290 -12.50 26.56 -13.86
C LEU A 290 -13.18 27.76 -13.19
N VAL A 291 -12.80 28.07 -11.95
CA VAL A 291 -13.44 29.18 -11.22
C VAL A 291 -12.45 30.20 -10.66
N HIS A 292 -12.76 31.47 -10.87
CA HIS A 292 -11.92 32.58 -10.44
C HIS A 292 -11.68 32.56 -8.93
N ASN A 293 -10.42 32.78 -8.54
CA ASN A 293 -10.01 32.82 -7.13
C ASN A 293 -8.51 32.97 -6.97
N PRO A 294 -7.98 34.18 -7.22
CA PRO A 294 -6.57 34.47 -7.10
C PRO A 294 -6.01 34.01 -5.75
N ASP A 295 -6.76 34.19 -4.68
CA ASP A 295 -6.23 33.94 -3.35
C ASP A 295 -6.10 32.46 -3.03
N GLN A 296 -6.89 31.64 -3.72
CA GLN A 296 -6.77 30.19 -3.64
C GLN A 296 -7.00 29.70 -2.23
N THR A 297 -7.97 30.29 -1.53
CA THR A 297 -8.25 29.84 -0.16
C THR A 297 -8.88 28.45 -0.15
N ASP A 298 -8.46 27.63 0.81
CA ASP A 298 -8.91 26.26 0.94
C ASP A 298 -8.97 25.96 2.43
N VAL A 299 -10.13 26.26 3.01
CA VAL A 299 -10.28 26.32 4.46
C VAL A 299 -10.42 24.94 5.10
N ASP A 300 -10.71 23.93 4.28
CA ASP A 300 -10.85 22.57 4.80
C ASP A 300 -9.76 21.65 4.23
N ASN A 301 -8.77 22.26 3.58
CA ASN A 301 -7.52 21.57 3.21
C ASN A 301 -7.72 20.28 2.44
N ASP A 302 -8.62 20.28 1.47
CA ASP A 302 -8.83 19.09 0.68
C ASP A 302 -8.32 19.28 -0.75
N LEU A 303 -7.60 20.38 -0.97
CA LEU A 303 -6.98 20.69 -2.26
C LEU A 303 -7.99 21.19 -3.30
N VAL A 304 -9.18 21.53 -2.82
CA VAL A 304 -10.22 22.10 -3.68
C VAL A 304 -10.61 23.48 -3.16
N GLY A 305 -10.28 24.52 -3.92
CA GLY A 305 -10.55 25.90 -3.49
C GLY A 305 -11.99 26.23 -3.10
N ASP A 306 -12.13 27.03 -2.05
CA ASP A 306 -13.44 27.45 -1.52
C ASP A 306 -14.48 27.76 -2.58
N GLN A 307 -14.04 28.40 -3.66
CA GLN A 307 -14.94 28.81 -4.72
C GLN A 307 -15.51 27.60 -5.47
N CYS A 308 -14.71 26.53 -5.60
CA CYS A 308 -15.18 25.26 -6.14
C CYS A 308 -15.89 24.50 -5.07
N ASP A 309 -15.46 24.69 -3.83
CA ASP A 309 -15.76 23.73 -2.79
C ASP A 309 -17.21 23.81 -2.32
N ASN A 310 -17.97 22.76 -2.57
CA ASN A 310 -19.36 22.72 -2.12
C ASN A 310 -19.65 21.54 -1.22
N ASN A 311 -18.61 20.76 -0.92
CA ASN A 311 -18.71 19.64 0.04
C ASN A 311 -19.72 18.53 -0.27
N GLU A 312 -20.45 18.66 -1.38
CA GLU A 312 -21.47 17.68 -1.71
C GLU A 312 -20.82 16.43 -2.30
N ASP A 313 -20.56 15.45 -1.44
CA ASP A 313 -19.95 14.20 -1.88
C ASP A 313 -20.81 13.03 -1.41
N ILE A 314 -21.80 12.67 -2.22
CA ILE A 314 -22.87 11.75 -1.83
C ILE A 314 -22.47 10.30 -1.50
N ASP A 315 -21.25 9.90 -1.84
CA ASP A 315 -20.81 8.55 -1.49
C ASP A 315 -19.62 8.52 -0.54
N ASP A 316 -19.29 9.69 0.02
CA ASP A 316 -18.32 9.79 1.13
C ASP A 316 -16.96 9.18 0.83
N ASP A 317 -16.53 9.25 -0.43
CA ASP A 317 -15.18 8.85 -0.73
C ASP A 317 -14.23 10.07 -0.78
N GLY A 318 -14.77 11.24 -0.49
CA GLY A 318 -13.94 12.44 -0.37
C GLY A 318 -13.79 13.20 -1.67
N HIS A 319 -14.38 12.68 -2.74
CA HIS A 319 -14.40 13.39 -4.01
C HIS A 319 -15.80 13.88 -4.27
N GLN A 320 -15.96 15.20 -4.37
CA GLN A 320 -17.30 15.78 -4.48
C GLN A 320 -17.95 15.43 -5.81
N ASN A 321 -19.28 15.42 -5.81
CA ASN A 321 -20.06 14.89 -6.91
C ASN A 321 -19.49 15.31 -8.27
N ASN A 322 -19.32 16.60 -8.49
CA ASN A 322 -18.87 17.10 -9.78
C ASN A 322 -17.41 16.77 -10.13
N GLN A 323 -16.71 16.04 -9.27
CA GLN A 323 -15.32 15.64 -9.55
C GLN A 323 -15.04 14.16 -9.30
N ASP A 324 -16.10 13.39 -9.05
CA ASP A 324 -15.95 11.97 -8.78
C ASP A 324 -16.27 11.18 -10.04
N ASN A 325 -15.32 10.37 -10.51
CA ASN A 325 -15.58 9.60 -11.73
C ASN A 325 -16.48 8.38 -11.48
N CYS A 326 -17.01 8.27 -10.27
CA CYS A 326 -18.12 7.37 -10.00
C CYS A 326 -18.98 8.04 -8.94
N PRO A 327 -19.73 9.08 -9.35
CA PRO A 327 -20.44 9.95 -8.42
C PRO A 327 -21.19 9.18 -7.34
N TYR A 328 -21.81 8.05 -7.71
CA TYR A 328 -22.67 7.35 -6.76
C TYR A 328 -21.99 6.20 -6.02
N ILE A 329 -20.88 5.72 -6.52
CA ILE A 329 -20.22 4.57 -5.91
C ILE A 329 -18.82 4.91 -5.36
N SER A 330 -18.68 4.76 -4.04
CA SER A 330 -17.41 4.95 -3.33
C SER A 330 -16.17 4.48 -4.08
N ASN A 331 -15.29 5.42 -4.42
CA ASN A 331 -13.97 5.09 -4.96
C ASN A 331 -12.97 6.23 -4.72
N ALA A 332 -12.29 6.20 -3.58
CA ALA A 332 -11.42 7.31 -3.20
C ALA A 332 -10.16 7.44 -4.05
N ASN A 333 -9.65 6.33 -4.57
CA ASN A 333 -8.46 6.40 -5.43
C ASN A 333 -8.82 6.79 -6.86
N GLN A 334 -10.12 6.77 -7.16
CA GLN A 334 -10.64 7.21 -8.44
C GLN A 334 -9.97 6.47 -9.59
N ALA A 335 -9.36 5.34 -9.28
CA ALA A 335 -8.71 4.52 -10.29
C ALA A 335 -9.57 4.38 -11.53
N ASP A 336 -8.98 4.68 -12.68
CA ASP A 336 -9.66 4.59 -13.96
C ASP A 336 -8.62 4.15 -15.01
N HIS A 337 -8.18 2.90 -14.88
CA HIS A 337 -7.02 2.37 -15.61
C HIS A 337 -7.00 2.49 -17.14
N ASP A 338 -8.17 2.39 -17.78
CA ASP A 338 -8.24 2.50 -19.23
C ASP A 338 -8.41 3.95 -19.68
N ARG A 339 -8.55 4.84 -18.69
CA ARG A 339 -8.61 6.29 -18.90
C ARG A 339 -9.82 6.73 -19.73
N ASP A 340 -10.89 5.94 -19.72
CA ASP A 340 -12.06 6.29 -20.51
C ASP A 340 -12.98 7.26 -19.77
N GLY A 341 -12.57 7.67 -18.57
CA GLY A 341 -13.35 8.62 -17.79
C GLY A 341 -14.35 7.96 -16.87
N GLN A 342 -14.58 6.67 -17.06
CA GLN A 342 -15.51 5.94 -16.20
C GLN A 342 -14.74 5.11 -15.18
N GLY A 343 -14.92 5.44 -13.91
CA GLY A 343 -14.12 4.86 -12.84
C GLY A 343 -14.22 3.36 -12.67
N ASP A 344 -13.07 2.71 -12.58
CA ASP A 344 -13.00 1.25 -12.37
C ASP A 344 -14.16 0.73 -11.53
N ALA A 345 -14.38 1.32 -10.37
CA ALA A 345 -15.39 0.81 -9.44
C ALA A 345 -16.80 0.77 -10.01
N CYS A 346 -17.09 1.67 -10.96
CA CYS A 346 -18.41 1.72 -11.61
C CYS A 346 -18.29 1.40 -13.11
N ASP A 347 -17.27 0.60 -13.43
CA ASP A 347 -16.92 0.27 -14.83
C ASP A 347 -16.73 -1.22 -14.99
N PRO A 348 -17.51 -1.84 -15.90
CA PRO A 348 -17.52 -3.28 -16.12
C PRO A 348 -16.39 -3.76 -17.02
N ASP A 349 -15.69 -2.84 -17.66
CA ASP A 349 -14.52 -3.20 -18.44
C ASP A 349 -13.38 -2.22 -18.19
N ASP A 350 -12.55 -2.55 -17.19
CA ASP A 350 -11.55 -1.62 -16.66
C ASP A 350 -10.39 -1.32 -17.61
N ASP A 351 -10.20 -2.18 -18.61
CA ASP A 351 -9.13 -1.98 -19.60
C ASP A 351 -9.66 -1.83 -21.04
N ASN A 352 -10.97 -1.92 -21.20
CA ASN A 352 -11.60 -1.74 -22.51
C ASN A 352 -11.14 -2.75 -23.56
N ASP A 353 -11.00 -4.00 -23.16
CA ASP A 353 -10.57 -5.06 -24.09
C ASP A 353 -11.73 -5.93 -24.58
N GLY A 354 -12.96 -5.58 -24.21
CA GLY A 354 -14.12 -6.35 -24.66
C GLY A 354 -14.59 -7.34 -23.61
N VAL A 355 -13.65 -8.09 -23.03
CA VAL A 355 -13.98 -9.02 -21.95
C VAL A 355 -14.20 -8.29 -20.62
N PRO A 356 -15.41 -8.40 -20.06
CA PRO A 356 -15.74 -7.72 -18.82
C PRO A 356 -14.83 -8.14 -17.65
N ASP A 357 -14.83 -7.33 -16.60
CA ASP A 357 -13.97 -7.59 -15.44
C ASP A 357 -14.17 -9.00 -14.93
N ASP A 358 -15.40 -9.33 -14.55
CA ASP A 358 -15.70 -10.59 -13.88
C ASP A 358 -15.45 -11.85 -14.73
N ARG A 359 -14.91 -11.67 -15.94
CA ARG A 359 -14.54 -12.78 -16.82
C ARG A 359 -13.19 -12.59 -17.50
N ASP A 360 -12.33 -11.80 -16.89
CA ASP A 360 -11.08 -11.39 -17.53
C ASP A 360 -9.86 -11.85 -16.74
N ASN A 361 -8.97 -12.58 -17.38
CA ASN A 361 -7.78 -13.09 -16.68
C ASN A 361 -6.62 -12.07 -16.60
N CYS A 362 -6.84 -10.89 -17.17
CA CYS A 362 -5.97 -9.74 -16.92
C CYS A 362 -6.85 -8.50 -16.84
N ARG A 363 -7.57 -8.36 -15.73
CA ARG A 363 -8.57 -7.32 -15.59
C ARG A 363 -8.06 -5.92 -15.92
N LEU A 364 -6.77 -5.67 -15.71
CA LEU A 364 -6.26 -4.32 -15.92
C LEU A 364 -5.47 -4.13 -17.21
N VAL A 365 -5.10 -5.24 -17.85
CA VAL A 365 -4.28 -5.15 -19.07
C VAL A 365 -5.01 -5.68 -20.30
N PHE A 366 -5.14 -4.79 -21.28
CA PHE A 366 -5.87 -5.07 -22.53
C PHE A 366 -5.42 -6.37 -23.20
N ASN A 367 -6.33 -7.33 -23.28
CA ASN A 367 -6.03 -8.61 -23.90
C ASN A 367 -7.30 -9.43 -24.22
N PRO A 368 -7.90 -9.16 -25.40
CA PRO A 368 -9.20 -9.71 -25.76
C PRO A 368 -9.16 -11.22 -25.99
N ASP A 369 -7.99 -11.74 -26.35
CA ASP A 369 -7.88 -13.16 -26.65
C ASP A 369 -7.52 -14.01 -25.44
N GLN A 370 -7.22 -13.35 -24.31
CA GLN A 370 -7.02 -14.04 -23.03
C GLN A 370 -5.97 -15.16 -23.04
N GLU A 371 -4.85 -14.95 -23.74
CA GLU A 371 -3.76 -15.91 -23.75
C GLU A 371 -3.35 -16.34 -22.34
N ASP A 372 -3.61 -17.61 -22.00
CA ASP A 372 -3.13 -18.18 -20.73
C ASP A 372 -2.48 -19.54 -21.03
N LEU A 373 -1.39 -19.50 -21.78
CA LEU A 373 -0.72 -20.70 -22.27
C LEU A 373 0.04 -21.50 -21.24
N ASP A 374 -0.35 -21.36 -19.97
CA ASP A 374 0.25 -22.16 -18.92
C ASP A 374 -0.83 -22.51 -17.90
N GLY A 375 -2.04 -22.04 -18.15
CA GLY A 375 -3.24 -22.50 -17.43
C GLY A 375 -3.37 -22.07 -15.98
N ASP A 376 -2.70 -20.98 -15.62
CA ASP A 376 -2.70 -20.50 -14.23
C ASP A 376 -3.85 -19.54 -13.93
N GLY A 377 -4.82 -19.44 -14.84
CA GLY A 377 -5.98 -18.60 -14.63
C GLY A 377 -5.68 -17.13 -14.79
N ARG A 378 -4.47 -16.80 -15.21
CA ARG A 378 -4.05 -15.41 -15.36
C ARG A 378 -3.43 -15.21 -16.74
N GLY A 379 -3.86 -14.16 -17.43
CA GLY A 379 -3.38 -13.85 -18.77
C GLY A 379 -1.88 -13.61 -18.81
N ASP A 380 -1.21 -14.29 -19.73
CA ASP A 380 0.24 -14.26 -19.78
C ASP A 380 0.80 -12.86 -20.05
N ILE A 381 -0.06 -11.93 -20.47
CA ILE A 381 0.41 -10.60 -20.76
C ILE A 381 0.67 -9.83 -19.46
N CYS A 382 -0.17 -10.05 -18.45
CA CYS A 382 0.04 -9.47 -17.12
C CYS A 382 0.64 -10.52 -16.20
N LYS A 383 1.73 -11.12 -16.65
CA LYS A 383 2.34 -12.30 -16.02
C LYS A 383 2.88 -12.06 -14.61
N ASP A 384 3.58 -10.97 -14.39
CA ASP A 384 4.18 -10.75 -13.08
C ASP A 384 3.83 -9.38 -12.50
N ASP A 385 2.99 -8.64 -13.20
CA ASP A 385 2.77 -7.24 -12.94
C ASP A 385 1.32 -6.93 -13.26
N PHE A 386 0.42 -7.51 -12.49
CA PHE A 386 -1.01 -7.40 -12.74
C PHE A 386 -1.52 -6.02 -13.17
N ASP A 387 -0.89 -4.95 -12.70
CA ASP A 387 -1.35 -3.62 -13.09
C ASP A 387 -0.48 -2.93 -14.13
N ASN A 388 0.64 -3.57 -14.48
CA ASN A 388 1.44 -3.12 -15.62
C ASN A 388 2.00 -1.73 -15.41
N ASP A 389 2.51 -1.48 -14.21
CA ASP A 389 3.19 -0.20 -13.91
C ASP A 389 4.66 -0.51 -13.74
N ASN A 390 5.04 -1.66 -14.27
CA ASN A 390 6.42 -2.12 -14.31
C ASN A 390 7.02 -2.52 -12.97
N ILE A 391 6.31 -2.27 -11.88
CA ILE A 391 6.74 -2.80 -10.60
C ILE A 391 5.93 -4.08 -10.34
N PRO A 392 6.64 -5.20 -10.17
CA PRO A 392 6.09 -6.56 -10.04
C PRO A 392 5.30 -6.77 -8.75
N ASP A 393 4.32 -7.69 -8.80
CA ASP A 393 3.40 -7.96 -7.69
C ASP A 393 4.07 -7.93 -6.32
N ILE A 394 5.11 -8.75 -6.11
CA ILE A 394 5.80 -8.83 -4.82
C ILE A 394 6.31 -7.50 -4.29
N ASP A 395 6.76 -6.62 -5.18
CA ASP A 395 7.29 -5.35 -4.73
C ASP A 395 6.25 -4.24 -4.80
N ASP A 396 5.04 -4.58 -5.22
CA ASP A 396 4.01 -3.58 -5.40
C ASP A 396 3.12 -3.47 -4.17
N VAL A 397 3.04 -2.28 -3.61
CA VAL A 397 2.21 -2.08 -2.44
C VAL A 397 0.75 -1.97 -2.84
N CYS A 398 0.50 -1.75 -4.14
CA CYS A 398 -0.84 -1.81 -4.72
C CYS A 398 -0.78 -2.48 -6.08
N PRO A 399 -0.68 -3.82 -6.09
CA PRO A 399 -0.54 -4.64 -7.28
C PRO A 399 -1.68 -4.51 -8.31
N GLU A 400 -2.84 -4.03 -7.91
CA GLU A 400 -3.92 -3.82 -8.85
C GLU A 400 -4.17 -2.34 -9.02
N ASN A 401 -3.10 -1.55 -8.98
CA ASN A 401 -3.20 -0.11 -9.10
C ASN A 401 -1.95 0.51 -9.70
N ASN A 402 -2.04 0.95 -10.95
CA ASN A 402 -0.89 1.44 -11.68
C ASN A 402 -0.37 2.81 -11.19
N ALA A 403 -1.10 3.43 -10.25
CA ALA A 403 -0.70 4.74 -9.72
C ALA A 403 0.00 4.68 -8.36
N ILE A 404 0.01 3.52 -7.72
CA ILE A 404 0.78 3.34 -6.49
C ILE A 404 1.56 2.02 -6.53
N SER A 405 2.83 2.09 -6.14
CA SER A 405 3.68 0.92 -6.08
C SER A 405 4.60 0.95 -4.87
N GLU A 406 4.90 2.17 -4.39
CA GLU A 406 5.82 2.36 -3.26
C GLU A 406 5.18 3.21 -2.16
N THR A 407 5.49 2.90 -0.91
CA THR A 407 5.17 3.80 0.21
C THR A 407 6.07 5.01 0.02
N ASP A 408 5.48 6.19 -0.15
CA ASP A 408 6.28 7.41 -0.36
C ASP A 408 5.61 8.64 0.16
N PHE A 409 5.98 9.06 1.36
CA PHE A 409 5.44 10.29 1.95
C PHE A 409 6.28 11.52 1.61
N ARG A 410 7.24 11.37 0.70
CA ARG A 410 8.16 12.46 0.39
C ARG A 410 7.47 13.76 0.06
N ASN A 411 6.38 13.70 -0.68
CA ASN A 411 5.59 14.89 -0.90
C ASN A 411 4.39 14.78 -0.01
N PHE A 412 4.23 15.73 0.91
CA PHE A 412 3.11 15.67 1.84
C PHE A 412 2.46 17.02 2.01
N GLN A 413 1.15 17.02 2.22
CA GLN A 413 0.43 18.25 2.54
C GLN A 413 0.53 18.48 4.05
N MET A 414 0.90 19.70 4.45
CA MET A 414 0.90 20.07 5.86
C MET A 414 -0.45 20.65 6.23
N VAL A 415 -1.20 19.95 7.06
CA VAL A 415 -2.51 20.39 7.46
C VAL A 415 -2.50 20.94 8.90
N PRO A 416 -2.49 22.28 9.04
CA PRO A 416 -2.56 22.95 10.33
C PRO A 416 -3.97 22.92 10.89
N LEU A 417 -4.13 22.37 12.09
CA LEU A 417 -5.46 22.16 12.65
C LEU A 417 -5.97 23.32 13.50
N ASP A 418 -5.10 24.30 13.79
CA ASP A 418 -5.48 25.45 14.59
C ASP A 418 -4.61 26.66 14.25
N PRO A 419 -4.85 27.27 13.09
CA PRO A 419 -3.99 28.36 12.62
C PRO A 419 -4.39 29.71 13.23
N LYS A 420 -3.42 30.60 13.40
CA LYS A 420 -3.66 31.87 14.10
C LYS A 420 -2.65 32.96 13.68
N GLY A 421 -2.00 33.59 14.67
CA GLY A 421 -0.97 34.61 14.40
C GLY A 421 0.38 34.12 14.89
N THR A 422 0.86 34.73 15.98
CA THR A 422 1.94 34.13 16.76
C THR A 422 1.33 33.08 17.69
N THR A 423 2.18 32.44 18.48
CA THR A 423 1.77 31.29 19.28
C THR A 423 1.46 30.13 18.32
N GLN A 424 1.49 30.45 17.02
CA GLN A 424 1.42 29.42 15.99
C GLN A 424 2.81 28.83 15.82
N ILE A 425 3.02 27.65 16.41
CA ILE A 425 4.25 26.91 16.21
C ILE A 425 3.92 25.70 15.34
N ASP A 426 4.42 25.72 14.11
CA ASP A 426 4.08 24.68 13.17
C ASP A 426 4.99 23.51 13.39
N PRO A 427 4.50 22.30 13.05
CA PRO A 427 5.33 21.13 13.09
C PRO A 427 6.54 21.33 12.19
N ASN A 428 7.51 20.45 12.30
CA ASN A 428 8.70 20.49 11.50
C ASN A 428 9.04 19.06 11.11
N TRP A 429 8.85 18.74 9.84
CA TRP A 429 9.06 17.37 9.37
C TRP A 429 10.38 17.16 8.62
N VAL A 430 11.15 16.18 9.06
CA VAL A 430 12.35 15.77 8.35
C VAL A 430 12.06 14.46 7.63
N ILE A 431 12.38 14.38 6.34
CA ILE A 431 12.12 13.16 5.58
C ILE A 431 13.37 12.31 5.41
N ARG A 432 13.22 11.01 5.60
CA ARG A 432 14.32 10.06 5.39
C ARG A 432 13.76 8.82 4.72
N HIS A 433 14.66 7.89 4.40
CA HIS A 433 14.27 6.60 3.82
C HIS A 433 13.42 6.81 2.56
N GLN A 434 13.81 7.81 1.76
CA GLN A 434 13.04 8.15 0.57
C GLN A 434 11.55 8.20 0.85
N GLY A 435 11.17 8.86 1.94
CA GLY A 435 9.76 9.11 2.21
C GLY A 435 9.11 8.06 3.07
N LYS A 436 9.90 7.09 3.54
CA LYS A 436 9.35 6.01 4.37
C LYS A 436 9.64 6.21 5.86
N GLU A 437 10.21 7.37 6.19
CA GLU A 437 10.47 7.74 7.59
C GLU A 437 10.41 9.25 7.77
N LEU A 438 9.58 9.70 8.71
CA LEU A 438 9.49 11.13 9.05
C LEU A 438 9.77 11.35 10.53
N VAL A 439 10.45 12.45 10.83
CA VAL A 439 10.72 12.85 12.19
C VAL A 439 10.12 14.23 12.43
N GLN A 440 9.27 14.35 13.45
CA GLN A 440 8.74 15.66 13.81
C GLN A 440 9.56 16.23 14.98
N THR A 441 9.95 17.48 14.85
CA THR A 441 10.99 18.06 15.69
C THR A 441 10.46 19.00 16.78
N ALA A 442 9.49 19.82 16.42
CA ALA A 442 9.04 20.91 17.28
C ALA A 442 7.93 20.51 18.26
N ASN A 443 7.68 21.39 19.23
CA ASN A 443 6.53 21.26 20.13
C ASN A 443 5.42 22.10 19.52
N SER A 444 4.59 21.50 18.68
CA SER A 444 3.79 22.27 17.74
C SER A 444 2.30 22.25 18.00
N ASP A 445 1.58 23.16 17.33
CA ASP A 445 0.13 23.10 17.26
C ASP A 445 -0.23 21.78 16.63
N PRO A 446 -1.46 21.34 16.80
CA PRO A 446 -1.84 20.07 16.19
C PRO A 446 -1.68 20.17 14.67
N GLY A 447 -1.27 19.08 14.04
CA GLY A 447 -1.03 19.10 12.61
C GLY A 447 -0.87 17.73 12.02
N ILE A 448 -1.15 17.62 10.72
CA ILE A 448 -0.95 16.37 10.04
C ILE A 448 -0.06 16.60 8.85
N ALA A 449 0.84 15.67 8.56
CA ALA A 449 1.46 15.65 7.25
C ALA A 449 0.76 14.53 6.51
N VAL A 450 -0.06 14.87 5.52
CA VAL A 450 -0.79 13.84 4.80
C VAL A 450 -0.13 13.62 3.45
N GLY A 451 0.05 12.35 3.09
CA GLY A 451 0.61 11.99 1.80
C GLY A 451 -0.48 12.10 0.78
N PHE A 452 -0.15 11.89 -0.50
CA PHE A 452 -1.09 12.14 -1.59
C PHE A 452 -1.78 10.90 -2.16
N ASP A 453 -1.13 9.74 -2.08
CA ASP A 453 -1.76 8.52 -2.55
C ASP A 453 -3.09 8.30 -1.82
N GLU A 454 -4.08 7.74 -2.51
CA GLU A 454 -5.41 7.55 -1.91
C GLU A 454 -5.82 6.10 -1.88
N PHE A 455 -6.64 5.75 -0.89
CA PHE A 455 -6.95 4.34 -0.67
C PHE A 455 -8.42 4.10 -0.38
N GLY A 456 -8.85 2.86 -0.59
CA GLY A 456 -10.11 2.37 -0.10
C GLY A 456 -9.75 1.39 0.99
N SER A 457 -9.72 0.10 0.66
CA SER A 457 -9.16 -0.89 1.57
C SER A 457 -7.69 -0.57 1.70
N VAL A 458 -7.19 -0.57 2.93
CA VAL A 458 -5.77 -0.30 3.15
C VAL A 458 -5.24 -0.90 4.45
N ASP A 459 -3.95 -1.25 4.43
CA ASP A 459 -3.18 -1.57 5.63
C ASP A 459 -2.04 -0.55 5.74
N PHE A 460 -1.95 0.11 6.90
CA PHE A 460 -0.94 1.13 7.17
C PHE A 460 -0.23 0.77 8.46
N SER A 461 1.08 0.60 8.41
CA SER A 461 1.84 0.27 9.62
C SER A 461 3.10 1.08 9.70
N GLY A 462 3.43 1.53 10.90
CA GLY A 462 4.63 2.32 11.12
C GLY A 462 5.24 2.10 12.49
N THR A 463 6.50 2.49 12.63
CA THR A 463 7.16 2.39 13.91
C THR A 463 7.09 3.73 14.62
N PHE A 464 6.62 3.68 15.87
CA PHE A 464 6.43 4.87 16.69
C PHE A 464 7.54 4.91 17.74
N TYR A 465 8.19 6.07 17.90
CA TYR A 465 9.30 6.18 18.83
C TYR A 465 9.60 7.63 19.16
N VAL A 466 9.56 7.97 20.44
CA VAL A 466 9.77 9.35 20.84
C VAL A 466 11.19 9.58 21.38
N ASN A 467 12.07 10.09 20.53
CA ASN A 467 13.49 10.17 20.86
C ASN A 467 13.90 11.31 21.80
N THR A 468 13.16 11.46 22.90
CA THR A 468 13.45 12.50 23.89
C THR A 468 12.71 12.18 25.18
N ASP A 469 13.04 12.88 26.27
CA ASP A 469 12.20 12.74 27.46
C ASP A 469 11.35 13.96 27.79
N ARG A 470 11.52 15.07 27.07
CA ARG A 470 10.68 16.24 27.31
C ARG A 470 9.25 15.99 26.85
N ASP A 471 8.30 16.24 27.74
CA ASP A 471 6.88 16.26 27.42
C ASP A 471 6.15 14.92 27.48
N ASP A 472 4.83 14.97 27.29
CA ASP A 472 3.97 13.79 27.48
C ASP A 472 2.69 13.87 26.66
N ASP A 473 2.80 14.38 25.43
CA ASP A 473 1.62 14.65 24.66
C ASP A 473 1.44 13.71 23.49
N TYR A 474 0.81 14.20 22.41
CA TYR A 474 0.24 13.31 21.39
C TYR A 474 1.10 13.02 20.17
N ALA A 475 0.97 11.81 19.65
CA ALA A 475 1.40 11.51 18.30
C ALA A 475 0.46 10.45 17.72
N GLY A 476 0.67 10.11 16.45
CA GLY A 476 -0.15 9.09 15.81
C GLY A 476 -0.25 9.32 14.33
N PHE A 477 -1.27 8.75 13.70
CA PHE A 477 -1.43 8.88 12.26
C PHE A 477 -2.89 9.12 11.90
N VAL A 478 -3.13 9.74 10.75
CA VAL A 478 -4.51 9.82 10.25
C VAL A 478 -4.71 8.86 9.08
N PHE A 479 -5.93 8.36 8.95
CA PHE A 479 -6.33 7.67 7.74
C PHE A 479 -7.72 8.11 7.32
N GLY A 480 -8.10 7.78 6.09
CA GLY A 480 -9.36 8.24 5.54
C GLY A 480 -9.37 9.76 5.49
N TYR A 481 -8.20 10.37 5.36
CA TYR A 481 -8.19 11.81 5.30
C TYR A 481 -8.87 12.23 4.01
N GLN A 482 -9.83 13.15 4.13
CA GLN A 482 -10.50 13.74 2.98
C GLN A 482 -10.38 15.24 3.08
N SER A 483 -10.83 15.80 4.20
CA SER A 483 -10.62 17.21 4.50
C SER A 483 -10.17 17.34 5.95
N SER A 484 -9.80 18.55 6.35
CA SER A 484 -9.36 18.77 7.72
C SER A 484 -10.54 18.70 8.68
N SER A 485 -11.72 18.43 8.14
CA SER A 485 -12.89 18.26 8.98
C SER A 485 -13.45 16.86 8.82
N ARG A 486 -12.80 16.07 7.97
CA ARG A 486 -13.24 14.70 7.73
C ARG A 486 -12.04 13.74 7.69
N PHE A 487 -11.76 13.06 8.81
CA PHE A 487 -10.72 12.04 8.80
C PHE A 487 -10.77 11.15 10.03
N TYR A 488 -10.23 9.94 9.93
CA TYR A 488 -10.05 9.06 11.07
C TYR A 488 -8.67 9.32 11.63
N VAL A 489 -8.55 9.39 12.95
CA VAL A 489 -7.24 9.63 13.53
C VAL A 489 -6.95 8.66 14.68
N VAL A 490 -5.72 8.17 14.76
CA VAL A 490 -5.27 7.39 15.91
C VAL A 490 -4.16 8.15 16.62
N MET A 491 -4.40 8.57 17.87
CA MET A 491 -3.41 9.35 18.59
C MET A 491 -3.12 8.71 19.93
N TRP A 492 -1.95 9.02 20.49
CA TRP A 492 -1.50 8.32 21.68
C TRP A 492 -0.80 9.27 22.63
N LYS A 493 -1.41 9.55 23.78
CA LYS A 493 -0.80 10.46 24.76
C LYS A 493 -0.09 9.69 25.87
N GLN A 494 0.99 10.27 26.39
CA GLN A 494 1.78 9.61 27.43
C GLN A 494 1.22 9.77 28.85
N VAL A 495 0.95 11.00 29.25
CA VAL A 495 0.44 11.24 30.57
C VAL A 495 -0.81 12.08 30.46
N THR A 496 -1.90 11.55 31.02
CA THR A 496 -3.20 12.21 31.06
C THR A 496 -3.08 13.64 31.56
N GLN A 497 -3.56 14.58 30.75
CA GLN A 497 -3.44 16.00 31.07
C GLN A 497 -4.57 16.77 30.41
N THR A 498 -5.22 17.64 31.17
CA THR A 498 -6.26 18.48 30.60
C THR A 498 -5.63 19.63 29.82
N TYR A 499 -6.15 19.89 28.63
CA TYR A 499 -5.63 20.90 27.73
C TYR A 499 -5.62 22.27 28.40
N TRP A 500 -4.59 23.08 28.15
CA TRP A 500 -4.42 24.35 28.88
C TRP A 500 -5.23 25.52 28.35
N GLU A 501 -6.24 25.25 27.52
CA GLU A 501 -7.16 26.28 27.06
C GLU A 501 -8.56 25.84 27.45
N ASP A 502 -9.15 26.53 28.42
CA ASP A 502 -10.50 26.20 28.90
C ASP A 502 -11.51 26.35 27.75
N GLN A 503 -11.26 27.33 26.88
CA GLN A 503 -12.16 27.66 25.78
C GLN A 503 -11.74 26.95 24.49
N PRO A 504 -12.71 26.63 23.62
CA PRO A 504 -14.16 26.84 23.79
C PRO A 504 -14.73 25.91 24.84
N THR A 505 -14.23 24.69 24.90
CA THR A 505 -14.69 23.72 25.88
C THR A 505 -13.52 22.95 26.47
N ARG A 506 -13.68 22.53 27.72
CA ARG A 506 -12.62 21.87 28.45
C ARG A 506 -12.30 20.53 27.80
N ALA A 507 -11.01 20.20 27.75
CA ALA A 507 -10.56 19.00 27.09
C ALA A 507 -9.66 18.18 27.98
N TYR A 508 -10.10 16.98 28.34
CA TYR A 508 -9.30 16.08 29.17
C TYR A 508 -8.72 14.98 28.30
N GLY A 509 -7.45 15.10 27.98
CA GLY A 509 -6.75 14.07 27.21
C GLY A 509 -6.14 13.00 28.10
N TYR A 510 -6.67 11.78 28.02
CA TYR A 510 -6.16 10.68 28.82
C TYR A 510 -5.06 9.96 28.11
N SER A 511 -4.25 9.24 28.87
CA SER A 511 -3.21 8.42 28.28
C SER A 511 -3.83 7.20 27.59
N GLY A 512 -3.10 6.62 26.64
CA GLY A 512 -3.57 5.46 25.93
C GLY A 512 -3.75 5.76 24.45
N VAL A 513 -3.83 4.70 23.64
CA VAL A 513 -4.08 4.85 22.22
C VAL A 513 -5.58 5.14 21.96
N SER A 514 -5.85 6.13 21.12
CA SER A 514 -7.23 6.54 20.85
C SER A 514 -7.59 6.40 19.38
N LEU A 515 -8.82 5.98 19.12
CA LEU A 515 -9.33 5.96 17.75
C LEU A 515 -10.48 6.93 17.69
N LYS A 516 -10.34 7.96 16.89
CA LYS A 516 -11.39 8.95 16.77
C LYS A 516 -11.80 9.10 15.31
N VAL A 517 -13.00 9.61 15.11
CA VAL A 517 -13.43 9.99 13.78
C VAL A 517 -13.79 11.47 13.85
N VAL A 518 -13.49 12.21 12.81
CA VAL A 518 -13.74 13.64 12.79
C VAL A 518 -14.83 13.98 11.78
N ASN A 519 -15.90 14.58 12.26
CA ASN A 519 -16.89 15.19 11.39
C ASN A 519 -17.19 16.57 11.97
N SER A 520 -16.32 17.53 11.67
CA SER A 520 -16.39 18.82 12.33
C SER A 520 -17.24 19.83 11.58
N THR A 521 -18.15 20.47 12.30
CA THR A 521 -19.07 21.43 11.70
C THR A 521 -18.49 22.84 11.70
N THR A 522 -17.24 23.00 12.15
CA THR A 522 -16.60 24.31 12.15
C THR A 522 -15.31 24.29 11.36
N GLY A 523 -14.71 23.11 11.22
CA GLY A 523 -13.41 22.99 10.55
C GLY A 523 -12.31 23.49 11.46
N THR A 524 -11.08 23.57 10.93
CA THR A 524 -9.91 23.91 11.75
C THR A 524 -10.13 25.09 12.68
N GLY A 525 -9.58 25.00 13.89
CA GLY A 525 -9.73 26.06 14.88
C GLY A 525 -9.80 25.54 16.31
N GLU A 526 -10.19 26.42 17.23
CA GLU A 526 -10.19 26.08 18.64
C GLU A 526 -11.17 24.96 19.01
N HIS A 527 -12.37 24.98 18.45
CA HIS A 527 -13.37 23.98 18.82
C HIS A 527 -12.89 22.59 18.47
N LEU A 528 -12.28 22.47 17.30
CA LEU A 528 -11.81 21.18 16.81
C LEU A 528 -10.54 20.79 17.54
N ARG A 529 -9.66 21.76 17.72
CA ARG A 529 -8.42 21.53 18.46
C ARG A 529 -8.70 20.82 19.78
N ASN A 530 -9.47 21.46 20.66
CA ASN A 530 -9.81 20.86 21.95
C ASN A 530 -10.51 19.52 21.78
N ALA A 531 -11.41 19.43 20.79
CA ALA A 531 -12.13 18.20 20.53
C ALA A 531 -11.16 17.06 20.22
N LEU A 532 -10.10 17.37 19.48
CA LEU A 532 -9.09 16.36 19.17
C LEU A 532 -8.36 15.93 20.44
N TRP A 533 -7.95 16.91 21.24
CA TRP A 533 -7.27 16.61 22.50
C TRP A 533 -8.15 15.81 23.46
N HIS A 534 -9.44 16.14 23.52
CA HIS A 534 -10.35 15.51 24.49
C HIS A 534 -10.59 14.03 24.26
N THR A 535 -10.34 13.21 25.27
CA THR A 535 -10.68 11.80 25.16
C THR A 535 -12.19 11.67 25.33
N GLY A 536 -12.90 11.36 24.25
CA GLY A 536 -14.35 11.24 24.32
C GLY A 536 -15.08 11.97 23.20
N ASN A 537 -16.41 11.99 23.26
CA ASN A 537 -17.20 12.64 22.21
C ASN A 537 -17.28 14.14 22.40
N THR A 538 -17.36 14.85 21.29
CA THR A 538 -17.56 16.30 21.29
C THR A 538 -18.49 16.60 20.12
N PRO A 539 -19.78 16.89 20.43
CA PRO A 539 -20.82 17.11 19.43
C PRO A 539 -20.40 18.10 18.34
N GLY A 540 -20.64 17.75 17.09
CA GLY A 540 -20.27 18.60 15.94
C GLY A 540 -18.78 18.69 15.68
N GLN A 541 -18.02 17.77 16.26
CA GLN A 541 -16.56 17.85 16.18
C GLN A 541 -15.89 16.47 16.06
N VAL A 542 -15.77 15.76 17.17
CA VAL A 542 -15.04 14.50 17.17
C VAL A 542 -15.82 13.41 17.90
N ARG A 543 -15.78 12.21 17.36
CA ARG A 543 -16.38 11.08 18.04
C ARG A 543 -15.31 10.03 18.29
N THR A 544 -14.99 9.79 19.56
CA THR A 544 -14.00 8.77 19.88
C THR A 544 -14.60 7.41 19.64
N LEU A 545 -13.91 6.58 18.86
CA LEU A 545 -14.44 5.28 18.48
C LEU A 545 -13.96 4.18 19.41
N TRP A 546 -12.74 4.33 19.89
CA TRP A 546 -12.23 3.39 20.87
C TRP A 546 -11.02 3.97 21.57
N HIS A 547 -10.86 3.63 22.84
CA HIS A 547 -9.70 4.08 23.58
C HIS A 547 -9.25 3.01 24.57
N ASP A 548 -7.97 2.64 24.49
CA ASP A 548 -7.39 1.62 25.38
C ASP A 548 -7.78 1.84 26.83
N PRO A 549 -8.76 1.06 27.32
CA PRO A 549 -9.28 1.27 28.67
C PRO A 549 -8.21 1.24 29.76
N ARG A 550 -7.07 0.61 29.51
CA ARG A 550 -6.01 0.57 30.52
C ARG A 550 -5.27 1.90 30.60
N ASN A 551 -5.49 2.76 29.61
CA ASN A 551 -4.87 4.08 29.57
C ASN A 551 -3.34 4.05 29.54
N ILE A 552 -2.78 2.91 29.17
CA ILE A 552 -1.33 2.80 29.09
C ILE A 552 -0.78 3.89 28.18
N GLY A 553 0.16 4.67 28.70
CA GLY A 553 0.85 5.67 27.88
C GLY A 553 2.09 5.07 27.23
N TRP A 554 2.63 5.77 26.24
CA TRP A 554 3.90 5.35 25.64
C TRP A 554 5.08 5.74 26.52
N LYS A 555 6.14 4.94 26.49
CA LYS A 555 7.34 5.27 27.25
C LYS A 555 8.35 5.99 26.37
N ASP A 556 9.25 6.74 27.00
CA ASP A 556 10.28 7.48 26.28
C ASP A 556 11.25 6.50 25.67
N TYR A 557 11.87 6.88 24.57
CA TYR A 557 12.90 6.07 23.96
C TYR A 557 12.45 4.64 23.75
N THR A 558 11.20 4.45 23.37
CA THR A 558 10.64 3.09 23.22
C THR A 558 9.96 2.86 21.87
N ALA A 559 10.39 1.80 21.18
CA ALA A 559 9.88 1.50 19.83
C ALA A 559 8.54 0.76 19.83
N TYR A 560 7.56 1.34 19.16
CA TYR A 560 6.29 0.65 18.99
C TYR A 560 6.02 0.49 17.49
N ARG A 561 5.30 -0.57 17.14
CA ARG A 561 4.84 -0.79 15.79
C ARG A 561 3.34 -0.66 15.77
N TRP A 562 2.80 0.21 14.92
CA TRP A 562 1.35 0.26 14.79
C TRP A 562 0.95 -0.46 13.50
N HIS A 563 -0.18 -1.15 13.52
CA HIS A 563 -0.71 -1.71 12.30
C HIS A 563 -2.18 -1.37 12.14
N LEU A 564 -2.49 -0.60 11.10
CA LEU A 564 -3.88 -0.25 10.80
C LEU A 564 -4.51 -1.17 9.77
N THR A 565 -5.71 -1.64 10.06
CA THR A 565 -6.51 -2.34 9.08
C THR A 565 -7.80 -1.56 8.86
N HIS A 566 -8.14 -1.33 7.59
CA HIS A 566 -9.31 -0.55 7.26
C HIS A 566 -9.96 -1.10 6.00
N ARG A 567 -11.23 -1.45 6.11
CA ARG A 567 -12.00 -1.93 4.97
C ARG A 567 -13.30 -1.16 4.90
N PRO A 568 -13.26 0.01 4.25
CA PRO A 568 -14.41 0.91 4.23
C PRO A 568 -15.66 0.29 3.63
N LYS A 569 -15.51 -0.67 2.71
CA LYS A 569 -16.68 -1.31 2.11
C LYS A 569 -17.62 -1.86 3.19
N THR A 570 -17.06 -2.26 4.32
CA THR A 570 -17.84 -2.80 5.43
C THR A 570 -17.69 -1.93 6.66
N GLY A 571 -16.63 -1.13 6.68
CA GLY A 571 -16.36 -0.22 7.79
C GLY A 571 -15.46 -0.81 8.85
N TYR A 572 -14.86 -1.95 8.54
CA TYR A 572 -13.95 -2.63 9.45
C TYR A 572 -12.71 -1.77 9.73
N ILE A 573 -12.36 -1.63 11.01
CA ILE A 573 -11.14 -0.94 11.41
C ILE A 573 -10.52 -1.72 12.54
N ARG A 574 -9.22 -2.00 12.45
CA ARG A 574 -8.52 -2.64 13.54
C ARG A 574 -7.13 -2.05 13.73
N VAL A 575 -6.83 -1.68 14.97
CA VAL A 575 -5.56 -1.10 15.30
C VAL A 575 -4.75 -2.00 16.22
N LEU A 576 -3.61 -2.46 15.75
CA LEU A 576 -2.70 -3.19 16.61
C LEU A 576 -1.62 -2.23 17.04
N VAL A 577 -1.16 -2.35 18.28
CA VAL A 577 0.07 -1.68 18.64
C VAL A 577 1.00 -2.66 19.34
N HIS A 578 2.22 -2.77 18.82
CA HIS A 578 3.19 -3.69 19.36
C HIS A 578 4.20 -2.90 20.17
N GLU A 579 4.65 -3.49 21.28
CA GLU A 579 5.85 -3.01 21.93
C GLU A 579 6.89 -4.10 21.72
N GLY A 580 7.93 -3.80 20.95
CA GLY A 580 8.85 -4.84 20.52
C GLY A 580 8.04 -5.92 19.82
N LYS A 581 8.21 -7.17 20.25
CA LYS A 581 7.49 -8.28 19.61
C LYS A 581 6.19 -8.66 20.30
N GLN A 582 5.78 -7.86 21.28
CA GLN A 582 4.59 -8.19 22.04
C GLN A 582 3.47 -7.20 21.88
N VAL A 583 2.31 -7.72 21.50
CA VAL A 583 1.10 -6.92 21.38
C VAL A 583 0.77 -6.25 22.70
N MET A 584 0.82 -4.93 22.72
CA MET A 584 0.53 -4.21 23.92
C MET A 584 -0.90 -3.66 23.90
N ALA A 585 -1.43 -3.42 22.71
CA ALA A 585 -2.78 -2.84 22.57
C ALA A 585 -3.46 -3.28 21.28
N ASP A 586 -4.77 -3.47 21.33
CA ASP A 586 -5.53 -3.95 20.19
C ASP A 586 -6.97 -3.49 20.30
N SER A 587 -7.44 -2.77 19.29
CA SER A 587 -8.76 -2.17 19.33
C SER A 587 -9.84 -3.22 19.16
N GLY A 588 -9.44 -4.45 18.81
CA GLY A 588 -10.40 -5.47 18.40
C GLY A 588 -11.06 -4.98 17.12
N PRO A 589 -12.14 -5.64 16.70
CA PRO A 589 -12.82 -5.18 15.49
C PRO A 589 -13.68 -3.96 15.80
N ILE A 590 -13.63 -2.98 14.92
CA ILE A 590 -14.39 -1.75 15.08
C ILE A 590 -15.22 -1.56 13.81
N TYR A 591 -16.34 -0.84 13.91
CA TYR A 591 -17.15 -0.60 12.73
C TYR A 591 -17.59 0.83 12.62
N ASP A 592 -17.13 1.49 11.55
CA ASP A 592 -17.55 2.85 11.28
C ASP A 592 -17.48 3.11 9.79
N GLN A 593 -18.57 3.63 9.24
CA GLN A 593 -18.62 3.92 7.80
C GLN A 593 -18.84 5.39 7.53
N THR A 594 -18.22 6.25 8.32
CA THR A 594 -18.34 7.68 8.12
C THR A 594 -17.65 8.09 6.82
N TYR A 595 -16.54 7.43 6.51
CA TYR A 595 -15.75 7.78 5.34
C TYR A 595 -15.29 6.54 4.57
N ALA A 596 -15.58 6.51 3.27
CA ALA A 596 -15.32 5.34 2.45
C ALA A 596 -13.89 5.31 1.90
N GLY A 597 -12.93 5.75 2.70
CA GLY A 597 -11.55 5.80 2.24
C GLY A 597 -11.04 7.22 2.20
N GLY A 598 -9.86 7.40 1.61
CA GLY A 598 -9.19 8.70 1.61
C GLY A 598 -7.68 8.55 1.76
N ARG A 599 -7.03 9.54 2.36
CA ARG A 599 -5.58 9.56 2.42
C ARG A 599 -4.98 9.22 3.80
N LEU A 600 -3.69 8.87 3.78
CA LEU A 600 -2.95 8.55 4.98
C LEU A 600 -2.02 9.70 5.30
N GLY A 601 -1.60 9.79 6.56
CA GLY A 601 -0.81 10.92 7.02
C GLY A 601 -0.35 10.71 8.44
N LEU A 602 0.48 11.62 8.93
CA LEU A 602 1.07 11.46 10.25
C LEU A 602 0.71 12.62 11.15
N PHE A 603 0.36 12.32 12.40
CA PHE A 603 -0.28 13.30 13.27
C PHE A 603 0.54 13.64 14.48
N VAL A 604 0.64 14.94 14.77
CA VAL A 604 1.29 15.42 16.01
C VAL A 604 0.42 16.44 16.72
N PHE A 605 0.47 16.42 18.04
CA PHE A 605 -0.19 17.42 18.85
C PHE A 605 0.63 17.70 20.12
N SER A 606 1.54 18.66 19.99
CA SER A 606 2.34 19.15 21.10
C SER A 606 3.39 18.16 21.63
N GLN A 607 3.92 17.33 20.74
CA GLN A 607 4.99 16.41 21.14
C GLN A 607 6.17 16.50 20.18
N GLU A 608 7.34 16.78 20.72
CA GLU A 608 8.51 16.93 19.86
C GLU A 608 9.31 15.63 19.75
N MET A 609 10.31 15.65 18.87
CA MET A 609 11.24 14.55 18.63
C MET A 609 10.50 13.24 18.44
N VAL A 610 9.51 13.24 17.55
CA VAL A 610 8.75 12.04 17.31
C VAL A 610 9.18 11.39 16.00
N TYR A 611 9.59 10.13 16.10
CA TYR A 611 10.04 9.35 14.95
C TYR A 611 8.95 8.45 14.43
N PHE A 612 8.55 8.67 13.18
CA PHE A 612 7.61 7.79 12.49
C PHE A 612 8.39 6.98 11.48
N SER A 613 8.88 5.81 11.88
CA SER A 613 9.85 5.10 11.06
C SER A 613 9.34 3.84 10.35
N ASP A 614 10.03 3.47 9.27
CA ASP A 614 9.72 2.27 8.48
C ASP A 614 8.23 2.13 8.18
N LEU A 615 7.67 3.14 7.54
CA LEU A 615 6.26 3.18 7.24
C LEU A 615 5.96 2.30 6.02
N LYS A 616 4.88 1.52 6.11
CA LYS A 616 4.40 0.73 4.98
C LYS A 616 2.91 0.92 4.82
N TYR A 617 2.48 1.32 3.63
CA TYR A 617 1.06 1.16 3.31
C TYR A 617 0.86 0.20 2.14
N GLU A 618 -0.18 -0.61 2.22
CA GLU A 618 -0.50 -1.55 1.17
C GLU A 618 -1.99 -1.52 0.86
N CYS A 619 -2.32 -1.80 -0.40
CA CYS A 619 -3.69 -1.92 -0.84
C CYS A 619 -4.13 -3.34 -0.58
N ARG A 620 -5.15 -3.51 0.27
CA ARG A 620 -5.57 -4.85 0.65
C ARG A 620 -6.91 -5.31 0.07
N ASP A 621 -7.32 -4.63 -1.00
CA ASP A 621 -8.28 -5.15 -1.97
C ASP A 621 -7.67 -4.89 -3.34
N ILE A 622 -6.59 -4.11 -3.33
CA ILE A 622 -5.93 -3.65 -4.55
C ILE A 622 -4.50 -4.22 -4.64
#